data_4LJX
#
_entry.id   4LJX
#
_cell.length_a   34.924
_cell.length_b   43.092
_cell.length_c   44.894
_cell.angle_alpha   108.120
_cell.angle_beta   82.220
_cell.angle_gamma   98.170
#
_symmetry.space_group_name_H-M   'P 1'
#
loop_
_entity.id
_entity.type
_entity.pdbx_description
1 polymer 'AT-rich interactive domain-containing protein 3A'
2 water water
#
_entity_poly.entity_id   1
_entity_poly.type   'polypeptide(L)'
_entity_poly.pdbx_seq_one_letter_code
;GQPPDHGDWTYEEQFKQLYELDGDPKRKEFLDDLFSF(MSE)QKRGTPVNRIPI(MSE)AKQVLDLF(MSE)LYVLVTEK
GGLVEVINKKLWREITKGLNLPTSITSAAFTLRTQY(MSE)EYLYPYECEKRGLSNPNELQAAIDSNRREGRR
;
_entity_poly.pdbx_strand_id   A,B
#
# COMPACT_ATOMS: atom_id res chain seq x y z
N TRP A 9 -0.30 -7.97 23.02
CA TRP A 9 -0.09 -6.53 23.12
C TRP A 9 1.19 -6.13 22.41
N THR A 10 2.32 -6.85 22.63
CA THR A 10 3.58 -6.53 21.95
C THR A 10 3.51 -7.01 20.49
N TYR A 11 4.37 -6.47 19.57
CA TYR A 11 4.39 -6.90 18.17
C TYR A 11 4.63 -8.43 18.07
N GLU A 12 5.54 -8.94 18.92
CA GLU A 12 5.87 -10.36 18.99
C GLU A 12 4.64 -11.21 19.34
N GLU A 13 3.79 -10.74 20.27
CA GLU A 13 2.57 -11.47 20.67
C GLU A 13 1.49 -11.35 19.58
N GLN A 14 1.34 -10.15 18.98
CA GLN A 14 0.39 -9.87 17.88
C GLN A 14 0.66 -10.76 16.66
N PHE A 15 1.94 -10.88 16.27
CA PHE A 15 2.37 -11.63 15.08
C PHE A 15 3.25 -12.82 15.46
N LYS A 16 2.78 -13.61 16.44
CA LYS A 16 3.43 -14.80 17.00
C LYS A 16 4.02 -15.73 15.91
N GLN A 17 3.21 -16.12 14.91
CA GLN A 17 3.62 -17.03 13.82
C GLN A 17 4.79 -16.51 13.01
N LEU A 18 4.85 -15.19 12.78
CA LEU A 18 5.93 -14.54 12.05
C LEU A 18 7.24 -14.54 12.88
N TYR A 19 7.19 -14.17 14.18
CA TYR A 19 8.36 -14.08 15.07
C TYR A 19 8.98 -15.45 15.38
N GLU A 20 8.20 -16.53 15.31
CA GLU A 20 8.63 -17.89 15.64
C GLU A 20 9.12 -18.74 14.46
N LEU A 21 9.38 -18.13 13.29
CA LEU A 21 9.83 -18.92 12.12
C LEU A 21 11.28 -19.44 12.27
N ASP A 22 12.11 -18.77 13.09
CA ASP A 22 13.47 -19.19 13.41
C ASP A 22 13.89 -18.57 14.74
N GLY A 23 15.07 -18.95 15.23
CA GLY A 23 15.64 -18.46 16.48
C GLY A 23 16.74 -17.44 16.33
N ASP A 24 16.88 -16.84 15.12
CA ASP A 24 17.87 -15.79 14.85
C ASP A 24 17.46 -14.51 15.62
N PRO A 25 18.28 -13.99 16.55
CA PRO A 25 17.87 -12.78 17.30
C PRO A 25 17.69 -11.53 16.43
N LYS A 26 18.23 -11.56 15.19
CA LYS A 26 18.10 -10.47 14.24
C LYS A 26 16.65 -10.40 13.72
N ARG A 27 15.91 -11.53 13.74
CA ARG A 27 14.52 -11.59 13.29
C ARG A 27 13.67 -10.65 14.13
N LYS A 28 13.67 -10.85 15.48
CA LYS A 28 12.94 -10.04 16.45
C LYS A 28 13.30 -8.55 16.31
N GLU A 29 14.61 -8.22 16.27
CA GLU A 29 15.11 -6.84 16.17
C GLU A 29 14.60 -6.14 14.91
N PHE A 30 14.68 -6.83 13.74
CA PHE A 30 14.24 -6.29 12.44
C PHE A 30 12.73 -6.00 12.43
N LEU A 31 11.92 -7.00 12.82
CA LEU A 31 10.47 -6.95 12.83
C LEU A 31 9.93 -5.88 13.79
N ASP A 32 10.48 -5.77 15.02
CA ASP A 32 10.10 -4.71 15.96
C ASP A 32 10.42 -3.34 15.33
N ASP A 33 11.58 -3.22 14.67
CA ASP A 33 11.98 -1.97 13.99
C ASP A 33 11.07 -1.66 12.79
N LEU A 34 10.71 -2.70 12.02
CA LEU A 34 9.85 -2.57 10.85
C LEU A 34 8.44 -2.12 11.27
N PHE A 35 7.79 -2.81 12.24
CA PHE A 35 6.43 -2.45 12.67
C PHE A 35 6.39 -1.10 13.37
N SER A 36 7.47 -0.70 14.10
CA SER A 36 7.56 0.64 14.73
C SER A 36 7.62 1.75 13.67
N PHE A 37 8.46 1.53 12.63
CA PHE A 37 8.68 2.43 11.49
C PHE A 37 7.37 2.67 10.76
N MSE A 38 6.64 1.58 10.46
CA MSE A 38 5.35 1.59 9.77
C MSE A 38 4.30 2.36 10.55
O MSE A 38 3.56 3.15 9.97
CB MSE A 38 4.89 0.15 9.45
CG MSE A 38 5.72 -0.50 8.32
SE MSE A 38 5.73 0.51 6.63
CE MSE A 38 4.26 -0.46 5.75
N GLN A 39 4.27 2.19 11.89
CA GLN A 39 3.36 2.90 12.77
C GLN A 39 3.72 4.38 12.80
N LYS A 40 5.01 4.73 12.97
CA LYS A 40 5.47 6.14 12.95
C LYS A 40 5.21 6.80 11.58
N ARG A 41 5.26 6.00 10.49
CA ARG A 41 5.01 6.43 9.10
C ARG A 41 3.52 6.74 8.88
N GLY A 42 2.64 6.22 9.74
CA GLY A 42 1.20 6.42 9.61
C GLY A 42 0.56 5.33 8.77
N THR A 43 1.34 4.26 8.51
CA THR A 43 0.91 3.08 7.76
C THR A 43 1.12 1.83 8.63
N PRO A 44 0.47 1.71 9.85
CA PRO A 44 0.71 0.51 10.67
C PRO A 44 0.21 -0.79 10.04
N VAL A 45 0.96 -1.88 10.25
CA VAL A 45 0.60 -3.21 9.76
C VAL A 45 -0.33 -3.84 10.81
N ASN A 46 -1.55 -4.25 10.41
CA ASN A 46 -2.53 -4.84 11.33
C ASN A 46 -2.64 -6.36 11.16
N ARG A 47 -2.28 -6.87 9.98
CA ARG A 47 -2.31 -8.28 9.62
C ARG A 47 -1.19 -8.58 8.64
N ILE A 48 -0.42 -9.67 8.89
CA ILE A 48 0.69 -10.09 8.02
C ILE A 48 0.12 -10.77 6.77
N PRO A 49 0.64 -10.48 5.55
CA PRO A 49 0.11 -11.18 4.36
C PRO A 49 0.35 -12.68 4.42
N ILE A 50 -0.53 -13.43 3.74
CA ILE A 50 -0.46 -14.89 3.72
C ILE A 50 -0.10 -15.34 2.29
N MSE A 51 1.05 -16.03 2.17
CA MSE A 51 1.58 -16.58 0.93
C MSE A 51 1.64 -18.11 1.06
O MSE A 51 2.22 -18.62 2.02
CB MSE A 51 2.97 -15.98 0.63
CG MSE A 51 3.67 -16.60 -0.56
SE MSE A 51 3.71 -15.49 -2.14
CE MSE A 51 3.94 -16.90 -3.48
N ALA A 52 1.01 -18.85 0.10
CA ALA A 52 0.90 -20.32 0.02
C ALA A 52 0.28 -20.89 1.33
N LYS A 53 -0.90 -20.35 1.72
CA LYS A 53 -1.69 -20.70 2.92
C LYS A 53 -0.85 -20.62 4.23
N GLN A 54 0.25 -19.83 4.22
CA GLN A 54 1.17 -19.64 5.34
C GLN A 54 1.56 -18.16 5.47
N VAL A 55 1.99 -17.73 6.69
CA VAL A 55 2.47 -16.37 6.98
C VAL A 55 3.70 -16.06 6.09
N LEU A 56 3.68 -14.90 5.40
CA LEU A 56 4.81 -14.50 4.54
C LEU A 56 5.97 -14.11 5.45
N ASP A 57 7.16 -14.73 5.25
CA ASP A 57 8.32 -14.41 6.07
C ASP A 57 8.91 -13.07 5.63
N LEU A 58 8.40 -11.97 6.20
CA LEU A 58 8.85 -10.60 5.93
C LEU A 58 10.35 -10.42 6.21
N PHE A 59 10.86 -11.06 7.28
CA PHE A 59 12.28 -10.98 7.62
C PHE A 59 13.14 -11.61 6.52
N MSE A 60 12.88 -12.87 6.18
CA MSE A 60 13.62 -13.59 5.14
C MSE A 60 13.43 -12.95 3.76
O MSE A 60 14.39 -12.93 3.00
CB MSE A 60 13.22 -15.07 5.13
CG MSE A 60 14.17 -16.00 4.39
SE MSE A 60 16.09 -15.84 4.79
CE MSE A 60 16.10 -15.51 6.77
N LEU A 61 12.22 -12.42 3.44
CA LEU A 61 11.94 -11.76 2.15
C LEU A 61 12.81 -10.50 2.01
N TYR A 62 12.99 -9.75 3.13
CA TYR A 62 13.81 -8.54 3.16
C TYR A 62 15.29 -8.90 2.98
N VAL A 63 15.77 -9.93 3.68
CA VAL A 63 17.17 -10.39 3.64
C VAL A 63 17.53 -10.83 2.20
N LEU A 64 16.66 -11.63 1.56
CA LEU A 64 16.91 -12.15 0.22
C LEU A 64 16.96 -11.07 -0.87
N VAL A 65 15.98 -10.16 -0.87
CA VAL A 65 15.84 -9.10 -1.86
C VAL A 65 16.99 -8.06 -1.69
N THR A 66 17.33 -7.64 -0.44
CA THR A 66 18.39 -6.64 -0.21
C THR A 66 19.79 -7.24 -0.51
N GLU A 67 19.96 -8.57 -0.29
CA GLU A 67 21.19 -9.29 -0.61
C GLU A 67 21.42 -9.32 -2.14
N LYS A 68 20.33 -9.23 -2.94
CA LYS A 68 20.40 -9.22 -4.40
C LYS A 68 20.51 -7.77 -4.96
N GLY A 69 20.46 -6.78 -4.07
CA GLY A 69 20.56 -5.37 -4.46
C GLY A 69 19.30 -4.54 -4.30
N GLY A 70 18.27 -5.12 -3.70
CA GLY A 70 17.00 -4.44 -3.46
C GLY A 70 15.94 -4.71 -4.51
N LEU A 71 14.69 -4.24 -4.25
CA LEU A 71 13.53 -4.46 -5.11
C LEU A 71 13.78 -4.18 -6.62
N VAL A 72 14.31 -2.98 -6.97
CA VAL A 72 14.53 -2.55 -8.37
C VAL A 72 15.48 -3.54 -9.09
N GLU A 73 16.56 -3.95 -8.42
CA GLU A 73 17.50 -4.92 -8.98
C GLU A 73 16.86 -6.31 -9.18
N VAL A 74 16.00 -6.75 -8.25
CA VAL A 74 15.32 -8.04 -8.37
C VAL A 74 14.36 -8.00 -9.59
N ILE A 75 13.66 -6.85 -9.79
CA ILE A 75 12.74 -6.67 -10.92
C ILE A 75 13.55 -6.64 -12.24
N ASN A 76 14.62 -5.82 -12.30
CA ASN A 76 15.45 -5.66 -13.50
C ASN A 76 16.21 -6.94 -13.85
N LYS A 77 16.73 -7.67 -12.84
CA LYS A 77 17.49 -8.90 -13.09
C LYS A 77 16.58 -10.14 -13.19
N LYS A 78 15.24 -9.98 -12.96
CA LYS A 78 14.22 -11.05 -13.01
C LYS A 78 14.61 -12.20 -12.07
N LEU A 79 14.73 -11.90 -10.77
CA LEU A 79 15.21 -12.87 -9.77
C LEU A 79 14.12 -13.40 -8.83
N TRP A 80 12.84 -13.28 -9.18
CA TRP A 80 11.74 -13.70 -8.33
C TRP A 80 11.71 -15.20 -8.02
N ARG A 81 12.13 -16.05 -8.97
CA ARG A 81 12.20 -17.52 -8.76
C ARG A 81 13.26 -17.85 -7.70
N GLU A 82 14.35 -17.07 -7.64
CA GLU A 82 15.42 -17.21 -6.65
C GLU A 82 14.92 -16.79 -5.27
N ILE A 83 14.10 -15.72 -5.23
CA ILE A 83 13.50 -15.22 -3.99
C ILE A 83 12.50 -16.26 -3.46
N THR A 84 11.59 -16.77 -4.34
CA THR A 84 10.59 -17.83 -4.04
C THR A 84 11.29 -19.07 -3.47
N LYS A 85 12.36 -19.54 -4.14
CA LYS A 85 13.20 -20.68 -3.72
C LYS A 85 13.82 -20.41 -2.33
N GLY A 86 14.35 -19.19 -2.15
CA GLY A 86 14.94 -18.72 -0.90
C GLY A 86 13.96 -18.67 0.25
N LEU A 87 12.66 -18.57 -0.05
CA LEU A 87 11.57 -18.56 0.92
C LEU A 87 11.03 -19.97 1.18
N ASN A 88 11.67 -21.00 0.56
CA ASN A 88 11.33 -22.42 0.63
C ASN A 88 9.89 -22.65 0.11
N LEU A 89 9.52 -21.94 -0.98
CA LEU A 89 8.21 -22.05 -1.62
C LEU A 89 8.37 -22.57 -3.04
N PRO A 90 7.45 -23.41 -3.58
CA PRO A 90 7.57 -23.86 -4.98
C PRO A 90 7.60 -22.67 -5.93
N THR A 91 8.58 -22.62 -6.85
CA THR A 91 8.76 -21.49 -7.80
C THR A 91 7.60 -21.45 -8.79
N SER A 92 6.95 -22.60 -9.03
CA SER A 92 5.83 -22.76 -9.95
C SER A 92 4.47 -22.27 -9.40
N ILE A 93 4.42 -21.61 -8.21
CA ILE A 93 3.16 -21.02 -7.73
C ILE A 93 2.91 -19.88 -8.77
N THR A 94 2.03 -20.13 -9.77
CA THR A 94 1.78 -19.31 -10.98
C THR A 94 2.00 -17.77 -10.82
N SER A 95 1.40 -17.08 -9.83
CA SER A 95 1.60 -15.64 -9.69
C SER A 95 2.49 -15.26 -8.49
N ALA A 96 3.56 -16.04 -8.24
CA ALA A 96 4.49 -15.80 -7.14
C ALA A 96 5.25 -14.48 -7.33
N ALA A 97 5.64 -14.15 -8.59
CA ALA A 97 6.38 -12.93 -8.94
C ALA A 97 5.56 -11.68 -8.61
N PHE A 98 4.28 -11.61 -9.07
CA PHE A 98 3.38 -10.48 -8.81
C PHE A 98 3.05 -10.36 -7.32
N THR A 99 2.74 -11.50 -6.66
CA THR A 99 2.37 -11.52 -5.24
C THR A 99 3.52 -11.03 -4.40
N LEU A 100 4.74 -11.54 -4.65
CA LEU A 100 5.91 -11.14 -3.87
C LEU A 100 6.31 -9.68 -4.14
N ARG A 101 6.23 -9.22 -5.41
CA ARG A 101 6.60 -7.84 -5.77
C ARG A 101 5.67 -6.83 -5.09
N THR A 102 4.34 -7.06 -5.16
CA THR A 102 3.31 -6.19 -4.60
C THR A 102 3.43 -6.13 -3.07
N GLN A 103 3.59 -7.29 -2.43
CA GLN A 103 3.72 -7.39 -0.99
C GLN A 103 4.95 -6.66 -0.49
N TYR A 104 6.08 -6.80 -1.23
CA TYR A 104 7.34 -6.16 -0.91
C TYR A 104 7.17 -4.64 -0.97
N MSE A 105 6.50 -4.14 -2.03
CA MSE A 105 6.23 -2.73 -2.25
C MSE A 105 5.39 -2.13 -1.13
O MSE A 105 5.63 -1.01 -0.70
CB MSE A 105 5.48 -2.53 -3.57
CG MSE A 105 6.37 -2.23 -4.74
SE MSE A 105 5.34 -2.24 -6.40
CE MSE A 105 4.14 -0.71 -6.04
N GLU A 106 4.38 -2.88 -0.67
CA GLU A 106 3.46 -2.43 0.36
C GLU A 106 4.02 -2.49 1.78
N TYR A 107 4.83 -3.49 2.09
CA TYR A 107 5.26 -3.72 3.46
C TYR A 107 6.75 -3.54 3.73
N LEU A 108 7.61 -3.63 2.69
CA LEU A 108 9.05 -3.60 2.93
C LEU A 108 9.82 -2.54 2.18
N TYR A 109 9.38 -2.10 1.00
CA TYR A 109 10.08 -1.11 0.17
C TYR A 109 10.26 0.25 0.89
N PRO A 110 9.26 0.85 1.60
CA PRO A 110 9.55 2.11 2.33
C PRO A 110 10.68 1.93 3.37
N TYR A 111 10.68 0.79 4.06
CA TYR A 111 11.72 0.48 5.04
C TYR A 111 13.11 0.33 4.34
N GLU A 112 13.14 -0.34 3.16
CA GLU A 112 14.35 -0.54 2.36
C GLU A 112 14.95 0.80 1.93
N CYS A 113 14.12 1.77 1.45
CA CYS A 113 14.62 3.08 1.01
C CYS A 113 15.19 3.85 2.16
N GLU A 114 14.59 3.72 3.32
CA GLU A 114 15.02 4.42 4.52
C GLU A 114 16.35 3.86 5.04
N LYS A 115 16.45 2.54 5.17
CA LYS A 115 17.58 1.90 5.81
C LYS A 115 18.72 1.58 4.88
N ARG A 116 18.42 1.22 3.61
CA ARG A 116 19.46 0.81 2.67
C ARG A 116 19.70 1.81 1.52
N GLY A 117 18.68 2.62 1.17
CA GLY A 117 18.75 3.58 0.09
C GLY A 117 19.21 3.00 -1.24
N LEU A 118 18.72 1.79 -1.59
CA LEU A 118 19.09 1.10 -2.82
C LEU A 118 18.40 1.69 -4.07
N SER A 119 17.28 2.42 -3.91
CA SER A 119 16.57 3.06 -5.03
C SER A 119 15.52 4.08 -4.55
N ASN A 120 14.84 4.75 -5.50
CA ASN A 120 13.77 5.71 -5.24
C ASN A 120 12.52 5.34 -6.05
N PRO A 121 11.28 5.68 -5.57
CA PRO A 121 10.06 5.30 -6.32
C PRO A 121 10.06 5.65 -7.82
N ASN A 122 10.85 6.65 -8.27
CA ASN A 122 10.95 7.03 -9.69
C ASN A 122 11.66 5.92 -10.47
N GLU A 123 12.77 5.38 -9.90
CA GLU A 123 13.54 4.26 -10.45
C GLU A 123 12.68 3.00 -10.44
N LEU A 124 11.81 2.85 -9.41
CA LEU A 124 10.89 1.72 -9.26
C LEU A 124 9.81 1.71 -10.37
N GLN A 125 9.12 2.85 -10.60
CA GLN A 125 8.07 2.91 -11.62
C GLN A 125 8.64 2.59 -13.01
N ALA A 126 9.85 3.12 -13.31
CA ALA A 126 10.56 2.87 -14.56
C ALA A 126 10.92 1.39 -14.71
N ALA A 127 11.28 0.72 -13.59
CA ALA A 127 11.65 -0.71 -13.57
C ALA A 127 10.45 -1.59 -13.90
N ILE A 128 9.26 -1.28 -13.34
CA ILE A 128 8.02 -2.04 -13.58
C ILE A 128 7.59 -1.87 -15.06
N ASP A 129 7.70 -0.64 -15.62
CA ASP A 129 7.36 -0.33 -17.00
C ASP A 129 8.21 -1.13 -18.01
N SER A 130 9.50 -1.33 -17.69
CA SER A 130 10.45 -2.07 -18.53
C SER A 130 10.43 -3.57 -18.19
N TRP B 9 0.79 21.91 -17.23
CA TRP B 9 0.82 22.97 -16.22
C TRP B 9 -0.43 22.92 -15.34
N THR B 10 -1.64 22.76 -15.93
CA THR B 10 -2.88 22.66 -15.13
C THR B 10 -2.98 21.28 -14.50
N TYR B 11 -3.78 21.10 -13.42
CA TYR B 11 -3.94 19.78 -12.78
C TYR B 11 -4.43 18.74 -13.80
N GLU B 12 -5.37 19.13 -14.66
CA GLU B 12 -5.94 18.30 -15.72
C GLU B 12 -4.84 17.81 -16.69
N GLU B 13 -3.87 18.68 -17.05
CA GLU B 13 -2.76 18.31 -17.95
C GLU B 13 -1.73 17.43 -17.22
N GLN B 14 -1.40 17.77 -15.95
CA GLN B 14 -0.48 17.02 -15.09
C GLN B 14 -0.96 15.57 -14.87
N PHE B 15 -2.25 15.40 -14.57
CA PHE B 15 -2.85 14.09 -14.27
C PHE B 15 -3.91 13.72 -15.31
N LYS B 16 -3.55 13.84 -16.61
CA LYS B 16 -4.37 13.55 -17.78
C LYS B 16 -5.14 12.21 -17.65
N GLN B 17 -4.45 11.10 -17.32
CA GLN B 17 -5.04 9.77 -17.21
C GLN B 17 -6.15 9.69 -16.17
N LEU B 18 -6.00 10.41 -15.04
CA LEU B 18 -6.97 10.46 -13.97
C LEU B 18 -8.23 11.26 -14.39
N TYR B 19 -8.07 12.45 -15.01
CA TYR B 19 -9.17 13.32 -15.47
C TYR B 19 -9.99 12.72 -16.62
N GLU B 20 -9.39 11.81 -17.40
CA GLU B 20 -10.04 11.22 -18.58
C GLU B 20 -10.70 9.86 -18.33
N LEU B 21 -10.90 9.44 -17.06
CA LEU B 21 -11.53 8.13 -16.80
C LEU B 21 -13.02 8.08 -17.16
N ASP B 22 -13.70 9.24 -17.18
CA ASP B 22 -15.11 9.38 -17.57
C ASP B 22 -15.36 10.83 -17.98
N GLY B 23 -16.56 11.11 -18.47
CA GLY B 23 -16.95 12.45 -18.90
C GLY B 23 -17.87 13.18 -17.95
N ASP B 24 -17.97 12.70 -16.69
CA ASP B 24 -18.79 13.31 -15.64
C ASP B 24 -18.17 14.66 -15.25
N PRO B 25 -18.88 15.81 -15.42
CA PRO B 25 -18.28 17.11 -15.05
C PRO B 25 -17.95 17.24 -13.55
N LYS B 26 -18.52 16.37 -12.70
CA LYS B 26 -18.25 16.36 -11.27
C LYS B 26 -16.83 15.85 -11.01
N ARG B 27 -16.27 15.02 -11.92
CA ARG B 27 -14.90 14.48 -11.81
C ARG B 27 -13.89 15.63 -11.79
N LYS B 28 -13.91 16.48 -12.85
CA LYS B 28 -13.02 17.64 -13.01
C LYS B 28 -13.14 18.58 -11.80
N GLU B 29 -14.38 18.93 -11.38
CA GLU B 29 -14.64 19.83 -10.25
C GLU B 29 -14.06 19.31 -8.94
N PHE B 30 -14.28 18.00 -8.63
CA PHE B 30 -13.78 17.37 -7.42
C PHE B 30 -12.23 17.37 -7.36
N LEU B 31 -11.61 16.88 -8.44
CA LEU B 31 -10.16 16.72 -8.56
C LEU B 31 -9.43 18.06 -8.50
N ASP B 32 -9.93 19.09 -9.19
CA ASP B 32 -9.35 20.45 -9.12
C ASP B 32 -9.46 20.95 -7.68
N ASP B 33 -10.59 20.68 -6.99
CA ASP B 33 -10.80 21.09 -5.60
C ASP B 33 -9.87 20.32 -4.65
N LEU B 34 -9.70 19.02 -4.89
CA LEU B 34 -8.85 18.15 -4.08
C LEU B 34 -7.37 18.58 -4.20
N PHE B 35 -6.83 18.72 -5.43
CA PHE B 35 -5.44 19.10 -5.62
C PHE B 35 -5.16 20.53 -5.13
N SER B 36 -6.14 21.48 -5.25
CA SER B 36 -5.99 22.85 -4.73
C SER B 36 -5.91 22.85 -3.19
N PHE B 37 -6.77 22.05 -2.54
CA PHE B 37 -6.84 21.88 -1.08
C PHE B 37 -5.51 21.36 -0.56
N MSE B 38 -4.97 20.30 -1.21
CA MSE B 38 -3.71 19.64 -0.85
C MSE B 38 -2.55 20.60 -1.00
O MSE B 38 -1.69 20.64 -0.12
CB MSE B 38 -3.51 18.36 -1.70
CG MSE B 38 -4.46 17.22 -1.29
SE MSE B 38 -4.26 16.70 0.60
CE MSE B 38 -2.98 15.28 0.39
N GLN B 39 -2.58 21.41 -2.06
CA GLN B 39 -1.59 22.46 -2.34
C GLN B 39 -1.63 23.53 -1.24
N LYS B 40 -2.84 24.06 -0.93
CA LYS B 40 -3.04 25.08 0.12
C LYS B 40 -2.66 24.53 1.51
N ARG B 41 -2.85 23.20 1.71
CA ARG B 41 -2.54 22.50 2.96
C ARG B 41 -1.02 22.37 3.17
N GLY B 42 -0.24 22.54 2.10
CA GLY B 42 1.21 22.40 2.12
C GLY B 42 1.64 20.97 1.86
N THR B 43 0.69 20.12 1.44
CA THR B 43 0.91 18.71 1.11
C THR B 43 0.47 18.47 -0.38
N PRO B 44 1.08 19.16 -1.40
CA PRO B 44 0.64 18.93 -2.80
C PRO B 44 0.86 17.51 -3.28
N VAL B 45 -0.03 17.03 -4.15
CA VAL B 45 0.09 15.71 -4.77
C VAL B 45 0.99 15.87 -6.02
N ASN B 46 2.08 15.07 -6.10
CA ASN B 46 3.03 15.16 -7.21
C ASN B 46 2.87 14.00 -8.19
N ARG B 47 2.36 12.87 -7.71
CA ARG B 47 2.14 11.67 -8.50
C ARG B 47 0.93 10.92 -7.98
N ILE B 48 0.13 10.42 -8.90
CA ILE B 48 -1.07 9.65 -8.55
C ILE B 48 -0.65 8.19 -8.34
N PRO B 49 -1.17 7.51 -7.31
CA PRO B 49 -0.80 6.10 -7.11
C PRO B 49 -1.32 5.19 -8.23
N ILE B 50 -0.63 4.07 -8.44
CA ILE B 50 -1.00 3.12 -9.52
C ILE B 50 -1.46 1.81 -8.89
N MSE B 51 -2.67 1.37 -9.26
CA MSE B 51 -3.26 0.11 -8.78
C MSE B 51 -3.69 -0.71 -9.99
O MSE B 51 -4.41 -0.19 -10.84
CB MSE B 51 -4.42 0.39 -7.81
CG MSE B 51 -5.04 -0.88 -7.27
SE MSE B 51 -5.70 -0.73 -5.47
CE MSE B 51 -5.85 -2.63 -5.10
N ALA B 52 -3.24 -1.98 -10.05
CA ALA B 52 -3.48 -2.94 -11.16
C ALA B 52 -2.94 -2.38 -12.50
N LYS B 53 -1.67 -1.94 -12.48
CA LYS B 53 -0.92 -1.35 -13.61
C LYS B 53 -1.66 -0.15 -14.26
N GLN B 54 -2.60 0.47 -13.52
CA GLN B 54 -3.40 1.61 -13.97
C GLN B 54 -3.54 2.65 -12.87
N VAL B 55 -3.89 3.89 -13.25
CA VAL B 55 -4.09 5.01 -12.34
C VAL B 55 -5.24 4.71 -11.35
N LEU B 56 -5.02 4.95 -10.05
CA LEU B 56 -6.06 4.76 -9.03
C LEU B 56 -7.11 5.88 -9.19
N ASP B 57 -8.37 5.50 -9.35
CA ASP B 57 -9.44 6.49 -9.54
C ASP B 57 -9.77 7.15 -8.20
N LEU B 58 -9.05 8.23 -7.86
CA LEU B 58 -9.26 9.00 -6.64
C LEU B 58 -10.69 9.55 -6.53
N PHE B 59 -11.30 9.96 -7.68
CA PHE B 59 -12.68 10.47 -7.69
C PHE B 59 -13.66 9.36 -7.27
N MSE B 60 -13.64 8.19 -7.94
CA MSE B 60 -14.50 7.07 -7.60
C MSE B 60 -14.20 6.51 -6.22
O MSE B 60 -15.14 6.17 -5.52
CB MSE B 60 -14.42 5.96 -8.67
CG MSE B 60 -15.70 5.12 -8.79
SE MSE B 60 -17.43 6.10 -8.95
CE MSE B 60 -16.92 7.69 -10.06
N LEU B 61 -12.91 6.46 -5.80
CA LEU B 61 -12.52 5.96 -4.47
C LEU B 61 -13.15 6.83 -3.36
N TYR B 62 -13.19 8.16 -3.58
CA TYR B 62 -13.78 9.10 -2.64
C TYR B 62 -15.28 8.94 -2.57
N VAL B 63 -15.95 8.86 -3.73
CA VAL B 63 -17.41 8.71 -3.86
C VAL B 63 -17.86 7.41 -3.14
N LEU B 64 -17.16 6.30 -3.39
CA LEU B 64 -17.52 4.99 -2.82
C LEU B 64 -17.36 4.93 -1.31
N VAL B 65 -16.23 5.40 -0.78
CA VAL B 65 -15.92 5.38 0.65
C VAL B 65 -16.86 6.34 1.43
N THR B 66 -17.10 7.57 0.93
CA THR B 66 -17.97 8.53 1.63
C THR B 66 -19.45 8.09 1.58
N GLU B 67 -19.86 7.39 0.49
CA GLU B 67 -21.20 6.84 0.34
C GLU B 67 -21.43 5.70 1.36
N LYS B 68 -20.34 5.06 1.84
CA LYS B 68 -20.38 3.98 2.83
C LYS B 68 -20.21 4.52 4.27
N GLY B 69 -20.04 5.84 4.39
CA GLY B 69 -19.91 6.52 5.69
C GLY B 69 -18.52 7.01 6.05
N GLY B 70 -17.60 6.94 5.09
CA GLY B 70 -16.23 7.41 5.26
C GLY B 70 -15.25 6.31 5.63
N LEU B 71 -13.94 6.65 5.64
CA LEU B 71 -12.83 5.71 5.93
C LEU B 71 -13.06 4.85 7.21
N VAL B 72 -13.37 5.46 8.37
CA VAL B 72 -13.56 4.74 9.64
C VAL B 72 -14.69 3.70 9.53
N GLU B 73 -15.83 4.08 8.96
CA GLU B 73 -16.96 3.17 8.73
C GLU B 73 -16.57 1.98 7.81
N VAL B 74 -15.77 2.22 6.75
CA VAL B 74 -15.30 1.20 5.81
C VAL B 74 -14.36 0.21 6.54
N ILE B 75 -13.47 0.72 7.41
CA ILE B 75 -12.53 -0.10 8.20
C ILE B 75 -13.32 -0.95 9.21
N ASN B 76 -14.23 -0.31 9.98
CA ASN B 76 -15.04 -0.97 11.01
C ASN B 76 -15.96 -2.03 10.42
N LYS B 77 -16.62 -1.73 9.28
CA LYS B 77 -17.57 -2.65 8.67
C LYS B 77 -16.90 -3.63 7.71
N LYS B 78 -15.57 -3.51 7.49
CA LYS B 78 -14.75 -4.36 6.61
C LYS B 78 -15.37 -4.40 5.19
N LEU B 79 -15.45 -3.21 4.56
CA LEU B 79 -16.09 -3.05 3.26
C LEU B 79 -15.11 -2.83 2.10
N TRP B 80 -13.84 -3.20 2.26
CA TRP B 80 -12.82 -2.97 1.24
C TRP B 80 -13.07 -3.75 -0.06
N ARG B 81 -13.66 -4.98 0.03
CA ARG B 81 -13.99 -5.77 -1.16
C ARG B 81 -15.10 -5.09 -1.99
N GLU B 82 -16.00 -4.36 -1.32
CA GLU B 82 -17.08 -3.60 -1.96
C GLU B 82 -16.50 -2.36 -2.65
N ILE B 83 -15.48 -1.75 -2.02
CA ILE B 83 -14.78 -0.59 -2.59
C ILE B 83 -13.99 -1.04 -3.83
N THR B 84 -13.24 -2.16 -3.71
CA THR B 84 -12.47 -2.75 -4.81
C THR B 84 -13.41 -3.03 -6.00
N LYS B 85 -14.52 -3.75 -5.76
CA LYS B 85 -15.57 -4.07 -6.73
C LYS B 85 -16.09 -2.78 -7.40
N GLY B 86 -16.38 -1.76 -6.58
CA GLY B 86 -16.84 -0.45 -7.03
C GLY B 86 -15.85 0.29 -7.92
N LEU B 87 -14.57 -0.06 -7.79
CA LEU B 87 -13.50 0.52 -8.62
C LEU B 87 -13.29 -0.30 -9.91
N ASN B 88 -14.13 -1.36 -10.12
CA ASN B 88 -14.12 -2.31 -11.24
C ASN B 88 -12.75 -3.05 -11.28
N LEU B 89 -12.24 -3.40 -10.09
CA LEU B 89 -10.99 -4.15 -9.94
C LEU B 89 -11.25 -5.48 -9.26
N PRO B 90 -10.52 -6.58 -9.60
CA PRO B 90 -10.72 -7.86 -8.89
C PRO B 90 -10.49 -7.69 -7.38
N THR B 91 -11.40 -8.20 -6.55
CA THR B 91 -11.34 -8.10 -5.08
C THR B 91 -10.13 -8.87 -4.51
N SER B 92 -9.67 -9.89 -5.26
CA SER B 92 -8.57 -10.77 -4.88
C SER B 92 -7.17 -10.20 -5.18
N ILE B 93 -7.05 -8.90 -5.57
CA ILE B 93 -5.74 -8.28 -5.80
C ILE B 93 -4.97 -8.30 -4.48
N THR B 94 -3.71 -8.79 -4.56
CA THR B 94 -2.73 -8.90 -3.47
C THR B 94 -2.76 -7.65 -2.61
N SER B 95 -3.16 -7.82 -1.36
CA SER B 95 -3.25 -6.81 -0.30
C SER B 95 -4.01 -5.53 -0.75
N ALA B 96 -5.17 -5.71 -1.41
CA ALA B 96 -6.01 -4.60 -1.86
C ALA B 96 -6.56 -3.77 -0.69
N ALA B 97 -6.92 -4.41 0.44
CA ALA B 97 -7.45 -3.73 1.63
C ALA B 97 -6.41 -2.76 2.23
N PHE B 98 -5.16 -3.22 2.45
CA PHE B 98 -4.06 -2.42 3.01
C PHE B 98 -3.63 -1.32 2.04
N THR B 99 -3.53 -1.63 0.74
CA THR B 99 -3.12 -0.67 -0.28
C THR B 99 -4.17 0.44 -0.39
N LEU B 100 -5.48 0.08 -0.45
CA LEU B 100 -6.53 1.10 -0.57
C LEU B 100 -6.66 1.94 0.72
N ARG B 101 -6.53 1.31 1.91
CA ARG B 101 -6.62 2.03 3.20
C ARG B 101 -5.50 3.06 3.34
N THR B 102 -4.26 2.66 3.07
CA THR B 102 -3.08 3.54 3.19
C THR B 102 -3.12 4.67 2.15
N GLN B 103 -3.53 4.38 0.89
CA GLN B 103 -3.63 5.37 -0.17
C GLN B 103 -4.72 6.41 0.14
N TYR B 104 -5.87 5.96 0.70
CA TYR B 104 -6.98 6.83 1.07
C TYR B 104 -6.54 7.80 2.15
N MSE B 105 -5.80 7.31 3.15
CA MSE B 105 -5.32 8.14 4.26
C MSE B 105 -4.36 9.23 3.77
O MSE B 105 -4.48 10.39 4.20
CB MSE B 105 -4.66 7.27 5.33
CG MSE B 105 -5.66 6.80 6.36
SE MSE B 105 -5.08 5.32 7.47
CE MSE B 105 -3.89 6.31 8.67
N GLU B 106 -3.44 8.88 2.85
CA GLU B 106 -2.47 9.85 2.31
C GLU B 106 -3.11 10.88 1.36
N TYR B 107 -4.01 10.45 0.49
CA TYR B 107 -4.54 11.30 -0.56
C TYR B 107 -5.90 11.90 -0.32
N LEU B 108 -6.78 11.19 0.41
CA LEU B 108 -8.18 11.60 0.49
C LEU B 108 -8.76 11.86 1.87
N TYR B 109 -8.24 11.21 2.92
CA TYR B 109 -8.77 11.36 4.29
C TYR B 109 -8.70 12.81 4.78
N PRO B 110 -7.60 13.59 4.59
CA PRO B 110 -7.63 15.00 5.04
C PRO B 110 -8.77 15.81 4.38
N TYR B 111 -9.04 15.58 3.09
CA TYR B 111 -10.09 16.24 2.31
C TYR B 111 -11.48 15.82 2.84
N GLU B 112 -11.65 14.50 3.16
CA GLU B 112 -12.85 13.92 3.74
C GLU B 112 -13.19 14.59 5.08
N CYS B 113 -12.20 14.74 6.00
CA CYS B 113 -12.40 15.38 7.30
C CYS B 113 -12.85 16.84 7.15
N GLU B 114 -12.32 17.55 6.17
CA GLU B 114 -12.64 18.95 5.93
C GLU B 114 -14.03 19.12 5.32
N LYS B 115 -14.36 18.32 4.29
CA LYS B 115 -15.61 18.49 3.56
C LYS B 115 -16.78 17.74 4.14
N ARG B 116 -16.53 16.56 4.73
CA ARG B 116 -17.60 15.72 5.25
C ARG B 116 -17.60 15.56 6.78
N GLY B 117 -16.43 15.67 7.43
CA GLY B 117 -16.26 15.51 8.87
C GLY B 117 -16.89 14.23 9.43
N LEU B 118 -16.72 13.09 8.71
CA LEU B 118 -17.30 11.79 9.08
C LEU B 118 -16.62 11.17 10.29
N SER B 119 -15.36 11.55 10.54
CA SER B 119 -14.61 11.08 11.70
C SER B 119 -13.45 12.04 12.00
N ASN B 120 -12.70 11.71 13.03
CA ASN B 120 -11.51 12.44 13.44
C ASN B 120 -10.37 11.44 13.60
N PRO B 121 -9.08 11.84 13.40
CA PRO B 121 -7.96 10.88 13.56
C PRO B 121 -7.96 10.04 14.85
N ASN B 122 -8.62 10.49 15.94
CA ASN B 122 -8.72 9.73 17.19
C ASN B 122 -9.63 8.51 17.00
N GLU B 123 -10.77 8.70 16.31
CA GLU B 123 -11.71 7.64 15.93
C GLU B 123 -11.05 6.69 14.93
N LEU B 124 -10.16 7.22 14.05
CA LEU B 124 -9.40 6.45 13.07
C LEU B 124 -8.38 5.50 13.73
N GLN B 125 -7.55 6.01 14.68
CA GLN B 125 -6.57 5.18 15.37
C GLN B 125 -7.26 4.02 16.13
N ALA B 126 -8.40 4.32 16.78
CA ALA B 126 -9.20 3.33 17.50
C ALA B 126 -9.76 2.26 16.54
N ALA B 127 -10.13 2.66 15.31
CA ALA B 127 -10.67 1.78 14.27
C ALA B 127 -9.62 0.78 13.77
N ILE B 128 -8.37 1.27 13.55
CA ILE B 128 -7.22 0.47 13.12
C ILE B 128 -6.86 -0.57 14.22
N ASP B 129 -6.87 -0.16 15.51
CA ASP B 129 -6.57 -1.01 16.67
C ASP B 129 -7.57 -2.19 16.79
N SER B 130 -8.87 -1.92 16.52
CA SER B 130 -9.94 -2.92 16.59
C SER B 130 -10.08 -3.67 15.27
#